data_3IB5
#
_entry.id   3IB5
#
_cell.length_a   82.175
_cell.length_b   82.175
_cell.length_c   108.295
_cell.angle_alpha   90.000
_cell.angle_beta   90.000
_cell.angle_gamma   90.000
#
_symmetry.space_group_name_H-M   'P 41 21 2'
#
loop_
_entity.id
_entity.type
_entity.pdbx_description
1 polymer 'Sex pheromone precursor'
2 non-polymer 'MAGNESIUM ION'
3 non-polymer 1,2-ETHANEDIOL
4 non-polymer 'NITRATE ION'
5 non-polymer DI(HYDROXYETHYL)ETHER
6 water water
#
_entity_poly.entity_id   1
_entity_poly.type   'polypeptide(L)'
_entity_poly.pdbx_seq_one_letter_code
;GESSKSGYQTTGENNSSDYQGIIEDGEYKTSKSRGVGISQNSDNLLNLKSFEAGLTTISKDHFSTKSYIFQEGQYLNKAT
IQDWLGRKSSSNPEGLNPSDNGKKEANKRNPIYVQQIEEQDY(MSE)KQNNGKLELAG(MSE)TIGIG(MSE)NQKDYYQ
KEQYGATYSTTISKEKRIEEGKIAAKKVLARVRQKVGNNVPIVIA(MSE)FAQAPNDSLVGGYFYSYTVSKSGTDIGSWT
ETNIKSYVLPATEDNKLPNDNDSTSFDNFQKEVKNFFPNISNVTGQGQYKDKTLQGLHITITTQFYSETEITSFTQYVAQ
AAKSYLPSGIPVDIKINGSDGETQSFVSTTGGNGGYYTHVFGSY
;
_entity_poly.pdbx_strand_id   A
#
loop_
_chem_comp.id
_chem_comp.type
_chem_comp.name
_chem_comp.formula
EDO non-polymer 1,2-ETHANEDIOL 'C2 H6 O2'
MG non-polymer 'MAGNESIUM ION' 'Mg 2'
NO3 non-polymer 'NITRATE ION' 'N O3 -1'
PEG non-polymer DI(HYDROXYETHYL)ETHER 'C4 H10 O3'
#
# COMPACT_ATOMS: atom_id res chain seq x y z
N GLY A 7 -23.06 21.24 -7.55
CA GLY A 7 -23.44 20.23 -6.51
C GLY A 7 -22.45 19.08 -6.53
N TYR A 8 -22.81 17.91 -5.95
CA TYR A 8 -21.95 16.71 -6.10
C TYR A 8 -22.54 15.66 -7.02
N GLN A 9 -21.63 14.98 -7.72
CA GLN A 9 -21.96 13.78 -8.51
CA GLN A 9 -21.98 13.79 -8.46
C GLN A 9 -20.96 12.72 -8.12
N THR A 10 -21.35 11.48 -8.28
CA THR A 10 -20.43 10.38 -8.11
C THR A 10 -19.59 10.18 -9.35
N THR A 11 -18.47 9.53 -9.13
N THR A 11 -18.47 9.49 -9.23
CA THR A 11 -17.70 8.85 -10.15
CA THR A 11 -17.54 9.38 -10.37
C THR A 11 -17.97 7.34 -10.03
C THR A 11 -17.82 8.23 -11.36
N GLY A 12 -18.11 6.72 -11.19
N GLY A 12 -18.40 7.11 -10.84
CA GLY A 12 -18.22 5.29 -11.24
CA GLY A 12 -18.46 5.72 -11.44
C GLY A 12 -19.63 4.89 -10.93
C GLY A 12 -19.73 4.97 -10.98
N GLU A 13 -19.91 3.62 -11.16
CA GLU A 13 -21.23 2.99 -10.83
C GLU A 13 -21.27 2.19 -9.51
N ASN A 14 -22.47 2.01 -8.98
CA ASN A 14 -22.56 1.24 -7.74
C ASN A 14 -22.23 -0.25 -7.99
N ASN A 15 -21.29 -0.81 -7.22
CA ASN A 15 -20.79 -2.18 -7.45
C ASN A 15 -20.05 -2.78 -6.27
N SER A 16 -19.82 -4.09 -6.38
CA SER A 16 -19.29 -4.85 -5.23
C SER A 16 -17.80 -4.82 -5.16
N SER A 17 -17.11 -4.12 -6.08
N SER A 17 -17.15 -4.12 -6.10
CA SER A 17 -15.66 -4.18 -5.97
CA SER A 17 -15.72 -4.14 -6.10
C SER A 17 -15.00 -2.85 -5.62
C SER A 17 -15.22 -2.83 -5.48
N ASP A 18 -15.49 -1.72 -6.13
CA ASP A 18 -14.87 -0.43 -5.84
C ASP A 18 -15.86 0.59 -5.33
N TYR A 19 -15.37 1.52 -4.54
CA TYR A 19 -16.20 2.63 -4.14
C TYR A 19 -16.44 3.61 -5.29
N GLN A 20 -17.62 4.18 -5.32
CA GLN A 20 -17.84 5.42 -6.03
C GLN A 20 -17.16 6.57 -5.28
N GLY A 21 -16.62 7.53 -6.04
CA GLY A 21 -16.01 8.71 -5.51
C GLY A 21 -16.85 9.95 -5.79
N ILE A 22 -16.29 11.11 -5.50
CA ILE A 22 -17.03 12.39 -5.50
C ILE A 22 -16.39 13.46 -6.39
N ILE A 23 -17.23 14.03 -7.25
CA ILE A 23 -16.92 15.26 -7.99
C ILE A 23 -17.81 16.35 -7.40
N GLU A 24 -17.21 17.50 -7.08
CA GLU A 24 -17.93 18.65 -6.55
C GLU A 24 -17.54 19.85 -7.35
N ASP A 25 -18.52 20.60 -7.83
CA ASP A 25 -18.26 21.79 -8.64
C ASP A 25 -17.28 21.55 -9.82
N GLY A 26 -17.47 20.44 -10.53
CA GLY A 26 -16.71 20.12 -11.73
C GLY A 26 -15.31 19.58 -11.55
N GLU A 27 -14.93 19.33 -10.29
CA GLU A 27 -13.60 18.83 -10.01
C GLU A 27 -13.70 17.71 -9.00
N TYR A 28 -12.87 16.70 -9.17
CA TYR A 28 -12.74 15.66 -8.15
C TYR A 28 -12.45 16.32 -6.82
N LYS A 29 -13.08 15.81 -5.76
CA LYS A 29 -12.91 16.34 -4.43
CA LYS A 29 -12.90 16.36 -4.44
C LYS A 29 -11.65 15.74 -3.80
N THR A 30 -10.51 16.40 -4.03
CA THR A 30 -9.26 15.89 -3.59
C THR A 30 -9.14 15.95 -2.03
N SER A 31 -8.25 15.12 -1.54
CA SER A 31 -7.93 15.09 -0.13
C SER A 31 -7.44 16.43 0.33
N LYS A 32 -7.83 16.79 1.55
CA LYS A 32 -7.27 17.99 2.19
CA LYS A 32 -7.28 18.00 2.19
C LYS A 32 -5.82 17.85 2.62
N SER A 33 -5.29 16.64 2.53
CA SER A 33 -3.87 16.43 2.83
C SER A 33 -3.10 15.95 1.60
N ARG A 34 -3.67 16.14 0.41
CA ARG A 34 -3.03 15.70 -0.84
C ARG A 34 -1.56 16.11 -0.87
N GLY A 35 -0.69 15.14 -1.12
CA GLY A 35 0.74 15.35 -1.21
C GLY A 35 1.55 14.93 -0.04
N VAL A 36 0.94 14.91 1.16
CA VAL A 36 1.69 14.67 2.36
C VAL A 36 2.36 13.29 2.35
N GLY A 37 1.73 12.32 1.72
CA GLY A 37 2.27 10.99 1.71
C GLY A 37 3.52 10.86 0.84
N ILE A 38 3.65 11.73 -0.16
CA ILE A 38 4.78 11.70 -1.10
CA ILE A 38 4.81 11.65 -1.04
C ILE A 38 6.03 12.06 -0.27
N SER A 39 5.97 13.18 0.44
CA SER A 39 7.09 13.61 1.24
C SER A 39 7.41 12.71 2.45
N GLN A 40 6.38 12.16 3.08
CA GLN A 40 6.61 11.25 4.21
C GLN A 40 7.25 9.92 3.84
N ASN A 41 7.23 9.59 2.55
CA ASN A 41 7.73 8.31 2.07
C ASN A 41 8.81 8.45 1.02
N SER A 42 9.52 9.58 1.06
CA SER A 42 10.43 9.95 -0.03
C SER A 42 11.54 8.92 -0.24
N ASP A 43 12.00 8.30 0.83
CA ASP A 43 13.06 7.32 0.76
C ASP A 43 12.56 5.93 0.36
N ASN A 44 11.25 5.69 0.33
CA ASN A 44 10.72 4.46 -0.30
C ASN A 44 9.23 4.62 -0.59
N LEU A 45 8.91 5.06 -1.82
CA LEU A 45 7.53 5.37 -2.18
CA LEU A 45 7.54 5.36 -2.24
C LEU A 45 6.65 4.13 -2.23
N LEU A 46 7.27 2.95 -2.23
CA LEU A 46 6.43 1.75 -2.17
C LEU A 46 5.68 1.72 -0.87
N ASN A 47 6.22 2.31 0.20
CA ASN A 47 5.47 2.42 1.47
C ASN A 47 4.19 3.22 1.34
N LEU A 48 4.14 4.25 0.51
CA LEU A 48 2.95 5.01 0.32
C LEU A 48 1.92 4.14 -0.38
N LYS A 49 2.36 3.45 -1.42
CA LYS A 49 1.49 2.67 -2.26
C LYS A 49 0.85 1.50 -1.49
N SER A 50 1.65 0.79 -0.70
CA SER A 50 1.07 -0.32 0.03
CA SER A 50 1.20 -0.36 0.12
CA SER A 50 1.17 -0.34 0.09
C SER A 50 0.23 0.13 1.20
N PHE A 51 0.58 1.26 1.78
CA PHE A 51 -0.23 1.83 2.87
C PHE A 51 -1.61 2.19 2.34
N GLU A 52 -1.64 2.89 1.22
CA GLU A 52 -2.90 3.32 0.66
C GLU A 52 -3.71 2.12 0.19
N ALA A 53 -3.06 1.17 -0.47
CA ALA A 53 -3.81 0.05 -1.00
C ALA A 53 -4.45 -0.74 0.14
N GLY A 54 -3.70 -0.96 1.22
CA GLY A 54 -4.18 -1.70 2.35
C GLY A 54 -5.24 -0.96 3.12
N LEU A 55 -5.17 0.36 3.17
CA LEU A 55 -6.18 1.10 3.86
CA LEU A 55 -6.21 1.12 3.85
C LEU A 55 -7.51 0.95 3.12
N THR A 56 -7.46 0.95 1.79
CA THR A 56 -8.65 0.72 1.01
C THR A 56 -9.23 -0.69 1.21
N THR A 57 -8.38 -1.72 1.27
CA THR A 57 -8.96 -3.05 1.50
CA THR A 57 -8.86 -3.08 1.52
C THR A 57 -9.55 -3.18 2.89
N ILE A 58 -8.91 -2.63 3.92
CA ILE A 58 -9.48 -2.64 5.25
C ILE A 58 -10.81 -1.90 5.20
N SER A 59 -10.87 -0.77 4.53
CA SER A 59 -12.11 -0.04 4.43
C SER A 59 -13.22 -0.91 3.81
N LYS A 60 -12.88 -1.64 2.74
CA LYS A 60 -13.86 -2.42 2.04
C LYS A 60 -14.43 -3.50 2.93
N ASP A 61 -13.64 -3.96 3.92
CA ASP A 61 -14.12 -4.98 4.87
C ASP A 61 -15.05 -4.44 5.96
N HIS A 62 -15.11 -3.14 6.11
CA HIS A 62 -15.92 -2.51 7.15
C HIS A 62 -17.04 -1.60 6.66
N PHE A 63 -16.80 -0.91 5.55
CA PHE A 63 -17.74 0.08 4.99
C PHE A 63 -17.96 -0.38 3.56
N SER A 64 -19.04 -1.09 3.32
CA SER A 64 -19.26 -1.78 2.06
CA SER A 64 -19.13 -1.80 2.06
C SER A 64 -19.21 -0.84 0.87
N THR A 65 -18.54 -1.25 -0.21
CA THR A 65 -18.59 -0.46 -1.45
C THR A 65 -20.00 -0.32 -2.01
N LYS A 66 -20.89 -1.21 -1.60
CA LYS A 66 -22.25 -1.15 -2.08
C LYS A 66 -23.10 -0.11 -1.35
N SER A 67 -22.63 0.37 -0.17
CA SER A 67 -23.47 1.20 0.65
C SER A 67 -22.85 2.47 1.19
N TYR A 68 -21.60 2.73 0.84
CA TYR A 68 -20.91 3.98 1.21
C TYR A 68 -20.21 4.54 -0.01
N ILE A 69 -20.21 5.85 -0.09
CA ILE A 69 -19.43 6.56 -1.11
CA ILE A 69 -19.47 6.67 -1.07
C ILE A 69 -18.09 6.97 -0.45
N PHE A 70 -17.02 6.85 -1.21
CA PHE A 70 -15.70 7.21 -0.73
C PHE A 70 -15.41 8.67 -0.92
N GLN A 71 -15.04 9.34 0.16
CA GLN A 71 -14.60 10.72 0.18
C GLN A 71 -13.13 10.79 0.60
N GLU A 72 -12.30 11.42 -0.23
CA GLU A 72 -10.92 11.63 0.11
C GLU A 72 -10.87 12.40 1.42
N GLY A 73 -9.95 12.03 2.28
CA GLY A 73 -9.99 12.57 3.65
C GLY A 73 -10.05 14.07 3.74
N GLN A 74 -11.11 14.56 4.39
CA GLN A 74 -11.34 16.00 4.52
C GLN A 74 -11.07 16.57 5.91
N TYR A 75 -11.08 15.74 6.95
CA TYR A 75 -11.04 16.28 8.32
C TYR A 75 -9.64 16.60 8.80
N LEU A 76 -8.66 15.87 8.31
CA LEU A 76 -7.25 16.11 8.61
C LEU A 76 -6.56 16.72 7.42
N ASN A 77 -6.16 17.97 7.52
CA ASN A 77 -5.47 18.60 6.41
C ASN A 77 -3.96 18.39 6.45
N LYS A 78 -3.28 18.77 5.38
CA LYS A 78 -1.85 18.51 5.25
C LYS A 78 -1.10 19.16 6.40
N ALA A 79 -1.40 20.40 6.71
CA ALA A 79 -0.67 21.12 7.76
C ALA A 79 -0.81 20.42 9.11
N THR A 80 -2.03 19.98 9.40
CA THR A 80 -2.27 19.28 10.65
C THR A 80 -1.52 17.96 10.70
N ILE A 81 -1.58 17.18 9.63
CA ILE A 81 -0.82 15.94 9.60
C ILE A 81 0.68 16.21 9.73
N GLN A 82 1.17 17.24 9.06
CA GLN A 82 2.58 17.62 9.21
C GLN A 82 2.94 17.95 10.65
N ASP A 83 2.10 18.71 11.31
CA ASP A 83 2.31 18.98 12.73
C ASP A 83 2.34 17.69 13.54
N TRP A 84 1.37 16.83 13.33
CA TRP A 84 1.29 15.59 14.10
C TRP A 84 2.47 14.69 13.86
N LEU A 85 3.00 14.70 12.65
CA LEU A 85 4.13 13.83 12.30
C LEU A 85 5.44 14.45 12.78
N GLY A 86 5.44 15.72 13.18
CA GLY A 86 6.63 16.30 13.76
C GLY A 86 6.92 15.83 15.17
N ARG A 87 8.14 16.14 15.60
CA ARG A 87 8.49 15.96 16.98
C ARG A 87 7.72 16.92 17.87
N LYS A 88 7.31 16.42 19.03
CA LYS A 88 6.73 17.28 20.03
C LYS A 88 7.77 18.27 20.52
N SER A 89 7.32 19.52 20.70
CA SER A 89 8.17 20.58 21.25
C SER A 89 7.25 21.67 21.74
N SER A 90 7.80 22.68 22.42
CA SER A 90 6.99 23.79 22.86
C SER A 90 6.45 24.57 21.66
N SER A 91 7.13 24.48 20.53
CA SER A 91 6.65 25.12 19.30
C SER A 91 5.65 24.26 18.52
N ASN A 92 5.69 22.95 18.75
CA ASN A 92 4.81 21.99 18.07
C ASN A 92 4.23 21.05 19.11
N PRO A 93 3.34 21.55 19.98
CA PRO A 93 2.87 20.73 21.06
C PRO A 93 2.05 19.51 20.61
N GLU A 94 1.54 19.53 19.37
CA GLU A 94 0.71 18.44 18.88
CA GLU A 94 0.70 18.45 18.85
C GLU A 94 1.54 17.33 18.22
N GLY A 95 2.86 17.46 18.20
CA GLY A 95 3.66 16.44 17.58
C GLY A 95 3.49 15.10 18.26
N LEU A 96 3.34 14.04 17.46
CA LEU A 96 3.22 12.69 17.96
C LEU A 96 4.53 11.99 18.15
N ASN A 97 5.60 12.53 17.58
CA ASN A 97 6.91 11.94 17.71
C ASN A 97 7.62 12.53 18.94
N PRO A 98 8.58 11.78 19.49
CA PRO A 98 9.21 12.26 20.70
C PRO A 98 10.06 13.50 20.46
N SER A 99 10.29 14.21 21.55
CA SER A 99 11.13 15.40 21.49
CA SER A 99 11.11 15.39 21.48
C SER A 99 12.54 15.03 21.10
N ASP A 100 13.22 15.98 20.49
CA ASP A 100 14.62 15.84 20.11
C ASP A 100 15.52 15.92 21.37
N ASN A 101 15.99 14.82 21.91
N ASN A 101 16.37 14.89 21.47
CA ASN A 101 16.82 14.94 23.12
CA ASN A 101 17.36 14.66 22.56
C ASN A 101 18.27 15.33 22.80
C ASN A 101 18.84 14.91 22.22
N GLY A 102 18.55 15.69 21.55
N GLY A 102 19.13 15.38 21.00
CA GLY A 102 19.86 16.18 21.12
CA GLY A 102 20.47 15.82 20.65
C GLY A 102 20.90 15.11 20.91
C GLY A 102 21.50 14.71 20.46
N LYS A 103 20.56 13.86 21.24
N LYS A 103 21.06 13.47 20.58
CA LYS A 103 21.56 12.82 21.25
CA LYS A 103 21.97 12.35 20.44
C LYS A 103 21.75 12.27 19.85
C LYS A 103 22.07 11.91 18.99
N LYS A 104 23.01 11.99 19.53
N LYS A 104 23.29 11.89 18.48
CA LYS A 104 23.42 11.47 18.22
CA LYS A 104 23.54 11.55 17.10
C LYS A 104 23.55 9.95 18.16
C LYS A 104 23.57 10.03 16.93
N GLU A 105 23.74 9.29 19.30
N GLU A 105 23.94 9.33 18.00
CA GLU A 105 23.90 7.83 19.33
CA GLU A 105 24.16 7.89 17.94
C GLU A 105 22.58 7.20 18.95
C GLU A 105 22.90 7.14 17.53
N ALA A 106 22.62 6.27 18.01
N ALA A 106 23.09 6.04 16.80
CA ALA A 106 21.38 5.63 17.52
CA ALA A 106 22.00 5.20 16.32
C ALA A 106 20.54 4.97 18.63
C ALA A 106 21.21 4.49 17.43
N ASN A 107 21.19 4.43 19.67
N ASN A 107 21.90 3.77 18.34
CA ASN A 107 20.50 3.81 20.82
CA ASN A 107 21.28 3.15 19.51
C ASN A 107 20.19 4.75 21.99
C ASN A 107 20.74 4.14 20.56
N LYS A 108 20.49 6.05 21.85
N LYS A 108 20.99 5.44 20.38
CA LYS A 108 20.22 7.05 22.91
CA LYS A 108 20.73 6.44 21.44
C LYS A 108 19.22 8.10 22.48
C LYS A 108 19.80 7.64 21.14
N ARG A 109 19.25 8.46 21.20
N ARG A 109 19.74 8.11 19.90
CA ARG A 109 18.28 9.42 20.64
CA ARG A 109 18.86 9.24 19.58
C ARG A 109 16.84 8.95 20.84
C ARG A 109 17.43 8.83 19.85
N ASN A 110 15.93 9.90 20.99
N ASN A 110 16.58 9.81 20.07
CA ASN A 110 14.50 9.58 20.76
CA ASN A 110 15.17 9.55 20.14
C ASN A 110 14.23 9.52 19.20
C ASN A 110 14.67 9.38 18.77
N PRO A 111 13.93 8.30 18.61
CA PRO A 111 13.73 8.15 17.18
C PRO A 111 12.37 8.70 16.73
N ILE A 112 12.20 8.79 15.43
CA ILE A 112 10.85 9.02 14.85
C ILE A 112 10.11 7.67 14.77
N TYR A 113 9.10 7.50 15.62
CA TYR A 113 8.28 6.29 15.64
C TYR A 113 7.18 6.31 14.54
N VAL A 114 6.57 7.49 14.35
CA VAL A 114 5.40 7.63 13.50
C VAL A 114 5.78 8.31 12.22
N GLN A 115 5.59 7.63 11.08
CA GLN A 115 6.05 8.12 9.80
C GLN A 115 4.98 8.67 8.85
N GLN A 116 3.76 8.15 8.93
CA GLN A 116 2.70 8.61 8.01
C GLN A 116 1.33 8.36 8.63
N ILE A 117 0.38 9.21 8.22
CA ILE A 117 -1.02 9.10 8.62
C ILE A 117 -1.86 9.46 7.40
N GLU A 118 -2.88 8.64 7.13
CA GLU A 118 -3.87 8.93 6.10
CA GLU A 118 -3.88 8.98 6.13
C GLU A 118 -5.27 8.65 6.60
N GLU A 119 -6.20 9.43 6.11
CA GLU A 119 -7.61 9.36 6.40
C GLU A 119 -8.40 9.07 5.14
N GLN A 120 -9.36 8.16 5.25
CA GLN A 120 -10.37 7.91 4.21
C GLN A 120 -11.73 8.06 4.85
N ASP A 121 -12.60 8.80 4.18
CA ASP A 121 -13.94 9.08 4.71
C ASP A 121 -14.97 8.29 3.93
N TYR A 122 -16.00 7.81 4.62
CA TYR A 122 -17.03 7.01 4.01
C TYR A 122 -18.40 7.65 4.33
N MSE A 123 -19.17 7.90 3.27
CA MSE A 123 -20.34 8.77 3.28
C MSE A 123 -21.59 8.00 2.93
O MSE A 123 -21.56 7.06 2.15
CB MSE A 123 -20.23 9.91 2.29
CG MSE A 123 -18.86 10.58 2.24
SE MSE A 123 -18.24 11.30 3.87
CE MSE A 123 -19.27 12.94 3.86
N LYS A 124 -22.70 8.43 3.51
CA LYS A 124 -24.04 7.97 3.08
CA LYS A 124 -24.00 7.95 3.01
C LYS A 124 -24.82 9.17 2.56
N GLN A 125 -25.83 8.92 1.73
CA GLN A 125 -26.56 10.02 1.09
C GLN A 125 -27.73 10.30 2.00
N ASN A 126 -27.96 11.59 2.27
CA ASN A 126 -29.08 12.04 3.12
C ASN A 126 -29.69 13.29 2.54
N ASN A 127 -30.89 13.10 1.98
CA ASN A 127 -31.67 14.21 1.44
C ASN A 127 -30.84 14.99 0.42
N GLY A 128 -30.22 14.28 -0.52
CA GLY A 128 -29.37 14.91 -1.53
C GLY A 128 -28.02 15.47 -1.06
N LYS A 129 -27.63 15.15 0.18
CA LYS A 129 -26.37 15.64 0.78
C LYS A 129 -25.56 14.43 1.28
N LEU A 130 -24.25 14.50 1.22
CA LEU A 130 -23.47 13.40 1.79
C LEU A 130 -23.24 13.61 3.31
N GLU A 131 -23.40 12.56 4.12
CA GLU A 131 -23.08 12.65 5.54
CA GLU A 131 -23.17 12.59 5.57
C GLU A 131 -22.00 11.67 5.90
N LEU A 132 -21.07 12.11 6.76
CA LEU A 132 -19.98 11.26 7.22
C LEU A 132 -20.58 10.11 8.01
N ALA A 133 -20.27 8.89 7.62
CA ALA A 133 -20.79 7.68 8.24
C ALA A 133 -19.75 6.65 8.67
N GLY A 134 -18.50 6.89 8.31
CA GLY A 134 -17.43 5.98 8.70
C GLY A 134 -16.13 6.63 8.32
N MSE A 135 -15.06 6.16 8.95
CA MSE A 135 -13.74 6.67 8.63
C MSE A 135 -12.70 5.58 8.88
O MSE A 135 -12.83 4.81 9.84
CB MSE A 135 -13.41 7.92 9.47
CG MSE A 135 -12.13 8.61 9.14
SE MSE A 135 -11.86 10.22 10.13
CE MSE A 135 -13.19 11.26 9.37
N THR A 136 -11.68 5.54 8.02
CA THR A 136 -10.51 4.69 8.23
C THR A 136 -9.30 5.60 8.34
N ILE A 137 -8.51 5.38 9.39
CA ILE A 137 -7.27 6.09 9.59
CA ILE A 137 -7.28 6.09 9.61
C ILE A 137 -6.13 5.10 9.65
N GLY A 138 -5.11 5.31 8.81
CA GLY A 138 -3.92 4.51 8.87
C GLY A 138 -2.83 5.28 9.56
N ILE A 139 -2.02 4.54 10.35
CA ILE A 139 -0.86 5.11 11.03
C ILE A 139 0.31 4.20 10.71
N GLY A 140 1.30 4.74 10.02
CA GLY A 140 2.50 4.01 9.62
C GLY A 140 3.63 4.27 10.58
N MSE A 141 4.21 3.18 11.06
CA MSE A 141 5.20 3.12 12.12
C MSE A 141 6.52 2.64 11.54
O MSE A 141 6.57 1.62 10.86
CB MSE A 141 4.73 2.22 13.24
CG MSE A 141 3.36 2.54 13.79
SE MSE A 141 3.20 4.24 14.64
CE MSE A 141 4.47 3.94 16.05
N ASN A 142 7.62 3.29 11.92
CA ASN A 142 8.91 2.87 11.46
C ASN A 142 9.40 1.58 12.09
N GLN A 143 10.08 0.81 11.26
CA GLN A 143 10.91 -0.30 11.76
C GLN A 143 12.36 0.15 11.90
N LYS A 144 12.81 0.89 10.89
CA LYS A 144 14.09 1.60 10.94
C LYS A 144 13.80 3.07 10.72
N ASP A 145 14.45 3.89 11.54
CA ASP A 145 14.31 5.34 11.45
C ASP A 145 15.66 5.89 11.05
N TYR A 146 15.69 6.47 9.86
CA TYR A 146 16.90 6.99 9.27
C TYR A 146 17.12 8.46 9.61
N TYR A 147 18.39 8.84 9.80
N TYR A 147 18.37 8.80 9.94
CA TYR A 147 18.73 10.18 10.24
CA TYR A 147 18.72 10.17 10.33
C TYR A 147 20.21 10.45 10.06
C TYR A 147 20.15 10.49 9.95
N GLN A 148 20.58 11.72 10.18
CA GLN A 148 21.97 12.16 9.98
C GLN A 148 22.51 12.74 11.28
N LYS A 149 23.78 12.47 11.57
CA LYS A 149 24.47 13.10 12.69
C LYS A 149 24.93 14.54 12.32
N GLU A 150 25.18 14.77 11.02
CA GLU A 150 25.66 16.06 10.48
C GLU A 150 24.88 16.47 9.21
N GLN A 151 25.15 17.68 8.71
CA GLN A 151 24.22 18.44 7.81
C GLN A 151 23.84 17.82 6.43
N TYR A 152 24.78 17.77 5.48
CA TYR A 152 24.60 17.00 4.23
C TYR A 152 25.32 15.64 4.39
N GLY A 153 25.45 15.15 5.63
CA GLY A 153 26.32 13.99 5.96
C GLY A 153 25.68 12.60 5.89
N ALA A 154 26.33 11.62 6.53
CA ALA A 154 26.03 10.19 6.35
C ALA A 154 24.75 9.73 7.07
N THR A 155 24.08 8.75 6.47
CA THR A 155 22.82 8.20 7.01
C THR A 155 23.02 7.07 8.02
N TYR A 156 22.52 7.29 9.23
CA TYR A 156 22.47 6.27 10.25
C TYR A 156 21.00 5.83 10.45
N SER A 157 20.80 4.80 11.27
CA SER A 157 19.43 4.37 11.61
C SER A 157 19.31 3.85 13.01
N THR A 158 18.13 4.03 13.56
CA THR A 158 17.76 3.45 14.81
C THR A 158 16.83 2.31 14.42
N THR A 159 17.15 1.12 14.92
CA THR A 159 16.29 -0.05 14.72
C THR A 159 15.32 -0.05 15.88
N ILE A 160 14.03 0.05 15.55
CA ILE A 160 13.01 0.05 16.53
C ILE A 160 12.51 -1.38 16.60
N SER A 161 12.45 -1.92 17.82
CA SER A 161 12.03 -3.29 18.04
C SER A 161 10.55 -3.39 17.71
N LYS A 162 10.12 -4.60 17.37
CA LYS A 162 8.72 -4.84 17.10
C LYS A 162 7.90 -4.47 18.31
N GLU A 163 8.37 -4.79 19.52
CA GLU A 163 7.62 -4.51 20.74
CA GLU A 163 7.62 -4.50 20.74
C GLU A 163 7.42 -3.00 20.92
N LYS A 164 8.49 -2.24 20.66
CA LYS A 164 8.46 -0.81 20.90
C LYS A 164 7.56 -0.14 19.87
N ARG A 165 7.70 -0.56 18.63
CA ARG A 165 6.83 -0.10 17.56
C ARG A 165 5.39 -0.32 17.92
N ILE A 166 5.03 -1.52 18.36
CA ILE A 166 3.66 -1.81 18.72
C ILE A 166 3.17 -0.90 19.85
N GLU A 167 4.00 -0.75 20.89
CA GLU A 167 3.69 0.06 22.03
C GLU A 167 3.48 1.53 21.64
N GLU A 168 4.41 2.06 20.88
CA GLU A 168 4.30 3.45 20.48
C GLU A 168 3.17 3.62 19.49
N GLY A 169 2.86 2.60 18.71
CA GLY A 169 1.71 2.69 17.80
C GLY A 169 0.40 2.84 18.54
N LYS A 170 0.24 2.10 19.64
CA LYS A 170 -0.96 2.18 20.44
C LYS A 170 -1.07 3.55 21.10
N ILE A 171 0.07 4.08 21.55
CA ILE A 171 0.11 5.41 22.16
C ILE A 171 -0.34 6.45 21.13
N ALA A 172 0.22 6.37 19.92
CA ALA A 172 -0.15 7.31 18.85
C ALA A 172 -1.61 7.14 18.45
N ALA A 173 -2.09 5.91 18.35
CA ALA A 173 -3.48 5.65 17.97
C ALA A 173 -4.45 6.30 18.95
N LYS A 174 -4.15 6.20 20.24
CA LYS A 174 -5.03 6.78 21.24
CA LYS A 174 -4.99 6.78 21.30
C LYS A 174 -5.08 8.28 21.12
N LYS A 175 -3.95 8.91 20.85
CA LYS A 175 -3.95 10.36 20.65
C LYS A 175 -4.72 10.75 19.38
N VAL A 176 -4.47 10.03 18.28
CA VAL A 176 -5.15 10.31 17.03
C VAL A 176 -6.66 10.13 17.22
N LEU A 177 -7.09 9.07 17.89
CA LEU A 177 -8.52 8.86 18.10
C LEU A 177 -9.13 10.02 18.89
N ALA A 178 -8.47 10.44 19.96
CA ALA A 178 -9.00 11.54 20.76
C ALA A 178 -9.17 12.80 19.92
N ARG A 179 -8.19 13.07 19.09
CA ARG A 179 -8.20 14.28 18.28
C ARG A 179 -9.22 14.19 17.20
N VAL A 180 -9.29 13.05 16.52
CA VAL A 180 -10.26 12.91 15.46
C VAL A 180 -11.70 12.96 16.00
N ARG A 181 -11.94 12.36 17.17
CA ARG A 181 -13.28 12.41 17.76
C ARG A 181 -13.75 13.84 17.97
N GLN A 182 -12.84 14.75 18.33
CA GLN A 182 -13.25 16.13 18.45
C GLN A 182 -13.73 16.73 17.15
N LYS A 183 -13.18 16.27 16.04
CA LYS A 183 -13.53 16.79 14.73
C LYS A 183 -14.76 16.13 14.14
N VAL A 184 -14.98 14.85 14.38
CA VAL A 184 -16.04 14.11 13.67
C VAL A 184 -17.18 13.68 14.59
N GLY A 185 -17.02 13.86 15.87
CA GLY A 185 -18.03 13.45 16.83
C GLY A 185 -17.94 12.00 17.25
N ASN A 186 -18.83 11.63 18.13
CA ASN A 186 -18.68 10.46 18.95
C ASN A 186 -19.39 9.26 18.35
N ASN A 187 -20.14 9.45 17.28
CA ASN A 187 -21.04 8.42 16.73
C ASN A 187 -20.51 7.68 15.49
N VAL A 188 -19.60 8.30 14.74
CA VAL A 188 -19.02 7.73 13.50
CA VAL A 188 -19.09 7.66 13.52
C VAL A 188 -18.08 6.57 13.87
N PRO A 189 -18.27 5.37 13.30
CA PRO A 189 -17.27 4.33 13.51
C PRO A 189 -15.97 4.69 12.82
N ILE A 190 -14.88 4.51 13.55
CA ILE A 190 -13.54 4.83 13.08
C ILE A 190 -12.68 3.58 13.14
N VAL A 191 -12.15 3.13 12.00
CA VAL A 191 -11.22 2.00 11.97
C VAL A 191 -9.82 2.62 11.97
N ILE A 192 -8.99 2.20 12.92
CA ILE A 192 -7.59 2.62 12.99
C ILE A 192 -6.70 1.42 12.68
N ALA A 193 -5.93 1.57 11.60
CA ALA A 193 -5.13 0.49 11.04
C ALA A 193 -3.65 0.84 11.12
N MSE A 194 -2.88 -0.05 11.76
CA MSE A 194 -1.45 0.15 12.01
C MSE A 194 -0.61 -0.57 10.98
O MSE A 194 -0.82 -1.75 10.70
CB MSE A 194 -1.10 -0.41 13.38
CG MSE A 194 -2.01 0.08 14.54
SE MSE A 194 -2.16 2.02 14.66
CE MSE A 194 -0.30 2.39 14.87
N PHE A 195 0.37 0.18 10.45
CA PHE A 195 1.25 -0.24 9.34
C PHE A 195 2.70 -0.17 9.78
N ALA A 196 3.49 -1.14 9.31
CA ALA A 196 4.93 -1.17 9.54
C ALA A 196 5.62 -0.76 8.25
N GLN A 197 6.37 0.34 8.30
CA GLN A 197 7.07 0.82 7.11
C GLN A 197 8.18 -0.17 6.75
N ALA A 198 8.29 -0.47 5.46
CA ALA A 198 9.43 -1.23 4.94
C ALA A 198 10.68 -0.35 5.01
N PRO A 199 11.85 -0.96 5.20
CA PRO A 199 13.10 -0.18 5.13
C PRO A 199 13.39 0.40 3.76
N ASN A 200 14.35 1.34 3.71
CA ASN A 200 14.61 2.13 2.50
CA ASN A 200 14.60 2.12 2.50
C ASN A 200 15.10 1.31 1.32
N ASP A 201 15.69 0.16 1.59
CA ASP A 201 16.18 -0.73 0.52
C ASP A 201 15.22 -1.86 0.14
N SER A 202 13.99 -1.82 0.64
CA SER A 202 13.08 -2.91 0.40
C SER A 202 12.48 -2.83 -0.98
N LEU A 203 12.37 -3.96 -1.66
CA LEU A 203 11.73 -4.00 -2.96
C LEU A 203 10.22 -4.18 -2.89
N VAL A 204 9.66 -4.26 -1.66
CA VAL A 204 8.23 -4.27 -1.45
C VAL A 204 7.93 -3.18 -0.40
N GLY A 205 6.72 -2.62 -0.49
CA GLY A 205 6.23 -1.72 0.56
C GLY A 205 5.96 -2.47 1.85
N GLY A 206 5.70 -1.69 2.90
CA GLY A 206 5.39 -2.21 4.20
C GLY A 206 4.02 -2.87 4.28
N TYR A 207 3.62 -3.25 5.49
CA TYR A 207 2.42 -4.07 5.69
C TYR A 207 1.61 -3.63 6.92
N PHE A 208 0.31 -3.83 6.85
CA PHE A 208 -0.56 -3.63 7.98
C PHE A 208 -0.45 -4.80 8.93
N TYR A 209 -0.29 -4.52 10.22
CA TYR A 209 -0.16 -5.57 11.23
C TYR A 209 -1.32 -5.67 12.21
N SER A 210 -2.12 -4.62 12.34
CA SER A 210 -3.25 -4.68 13.25
CA SER A 210 -3.22 -4.65 13.31
C SER A 210 -4.25 -3.60 12.92
N TYR A 211 -5.46 -3.75 13.45
CA TYR A 211 -6.45 -2.67 13.43
C TYR A 211 -7.35 -2.76 14.65
N THR A 212 -8.03 -1.66 14.93
CA THR A 212 -9.06 -1.63 15.92
C THR A 212 -10.22 -0.84 15.36
N VAL A 213 -11.41 -1.09 15.89
CA VAL A 213 -12.61 -0.37 15.48
C VAL A 213 -13.12 0.37 16.70
N SER A 214 -13.21 1.69 16.60
CA SER A 214 -13.82 2.54 17.60
C SER A 214 -15.22 2.85 17.17
N LYS A 215 -16.20 2.25 17.84
CA LYS A 215 -17.60 2.51 17.52
CA LYS A 215 -17.60 2.52 17.52
C LYS A 215 -18.05 3.82 18.16
N SER A 216 -17.44 4.16 19.30
CA SER A 216 -17.73 5.43 20.00
C SER A 216 -16.65 5.74 20.99
N GLY A 217 -16.54 7.00 21.37
CA GLY A 217 -15.61 7.38 22.40
C GLY A 217 -14.17 7.37 21.99
N THR A 218 -13.30 7.44 22.98
CA THR A 218 -11.88 7.64 22.82
C THR A 218 -10.99 6.55 23.39
N ASP A 219 -11.58 5.48 23.91
CA ASP A 219 -10.79 4.42 24.51
C ASP A 219 -10.51 3.45 23.41
N ILE A 220 -9.30 2.90 23.39
CA ILE A 220 -9.04 1.87 22.39
C ILE A 220 -9.32 0.48 22.90
N GLY A 221 -10.25 -0.16 22.20
CA GLY A 221 -10.67 -1.50 22.54
C GLY A 221 -9.62 -2.55 22.21
N SER A 222 -10.07 -3.61 21.58
N SER A 222 -10.07 -3.62 21.56
CA SER A 222 -9.20 -4.68 21.28
CA SER A 222 -9.20 -4.75 21.32
C SER A 222 -8.29 -4.18 20.17
C SER A 222 -8.58 -4.56 19.93
N TRP A 223 -7.37 -5.04 19.78
CA TRP A 223 -6.68 -4.94 18.49
C TRP A 223 -6.81 -6.31 17.81
N THR A 224 -7.07 -6.28 16.52
CA THR A 224 -7.14 -7.49 15.69
C THR A 224 -5.85 -7.55 14.85
N GLU A 225 -5.12 -8.64 14.96
CA GLU A 225 -3.90 -8.76 14.21
CA GLU A 225 -3.90 -8.93 14.22
C GLU A 225 -4.26 -9.18 12.78
N THR A 226 -3.49 -8.64 11.84
CA THR A 226 -3.65 -8.96 10.43
C THR A 226 -2.34 -9.43 9.85
N ASN A 227 -2.43 -10.12 8.71
CA ASN A 227 -1.29 -10.87 8.22
CA ASN A 227 -1.39 -10.95 8.22
C ASN A 227 -1.20 -10.89 6.69
N ILE A 228 -1.63 -9.82 6.04
CA ILE A 228 -1.45 -9.66 4.60
CA ILE A 228 -1.44 -9.68 4.60
C ILE A 228 -0.06 -9.05 4.38
N LYS A 229 0.74 -9.68 3.55
CA LYS A 229 2.06 -9.22 3.20
C LYS A 229 2.37 -9.48 1.74
N SER A 230 3.24 -8.64 1.18
CA SER A 230 3.74 -8.85 -0.18
CA SER A 230 3.75 -8.79 -0.17
C SER A 230 5.19 -9.28 -0.17
N TYR A 231 5.53 -10.06 -1.19
CA TYR A 231 6.84 -10.64 -1.34
C TYR A 231 7.33 -10.46 -2.75
N VAL A 232 8.59 -10.10 -2.89
CA VAL A 232 9.20 -9.91 -4.21
CA VAL A 232 9.21 -9.91 -4.20
C VAL A 232 9.37 -11.22 -4.95
N LEU A 233 9.21 -11.13 -6.26
CA LEU A 233 9.46 -12.22 -7.17
C LEU A 233 10.49 -11.78 -8.21
N PRO A 234 11.45 -12.66 -8.56
CA PRO A 234 11.66 -13.99 -7.95
C PRO A 234 12.13 -13.89 -6.52
N ALA A 235 11.84 -14.94 -5.76
CA ALA A 235 12.30 -15.01 -4.41
C ALA A 235 13.79 -15.27 -4.40
N THR A 236 14.39 -15.02 -3.24
CA THR A 236 15.81 -15.19 -3.02
C THR A 236 16.05 -15.93 -1.71
N GLU A 237 17.31 -16.28 -1.43
CA GLU A 237 17.62 -16.97 -0.19
C GLU A 237 17.26 -16.12 1.02
N ASP A 238 17.47 -14.81 0.94
CA ASP A 238 17.17 -13.92 2.04
C ASP A 238 15.72 -13.48 2.14
N ASN A 239 14.99 -13.62 1.04
CA ASN A 239 13.58 -13.25 1.00
C ASN A 239 12.77 -14.30 0.28
N LYS A 240 12.42 -15.31 1.05
CA LYS A 240 11.68 -16.46 0.56
C LYS A 240 10.19 -16.19 0.60
N LEU A 241 9.42 -16.83 -0.28
CA LEU A 241 7.96 -16.79 -0.19
C LEU A 241 7.52 -17.69 0.96
N PRO A 242 6.32 -17.46 1.49
CA PRO A 242 5.81 -18.36 2.51
C PRO A 242 5.51 -19.75 2.02
N ASN A 243 5.42 -19.94 0.69
CA ASN A 243 5.10 -21.23 0.08
C ASN A 243 6.12 -21.51 -1.01
N ASP A 244 6.93 -22.56 -0.80
CA ASP A 244 7.99 -22.89 -1.75
C ASP A 244 7.46 -23.31 -3.11
N ASN A 245 6.30 -23.94 -3.13
CA ASN A 245 5.74 -24.37 -4.39
C ASN A 245 5.31 -23.21 -5.28
N ASP A 246 4.84 -22.14 -4.67
CA ASP A 246 4.54 -20.94 -5.41
C ASP A 246 5.83 -20.34 -5.98
N SER A 247 6.89 -20.43 -5.20
CA SER A 247 8.18 -19.86 -5.58
C SER A 247 8.75 -20.61 -6.79
N THR A 248 8.75 -21.93 -6.72
CA THR A 248 9.24 -22.70 -7.85
C THR A 248 8.34 -22.56 -9.07
N SER A 249 7.04 -22.40 -8.88
CA SER A 249 6.16 -22.12 -9.98
C SER A 249 6.53 -20.82 -10.68
N PHE A 250 6.72 -19.75 -9.90
CA PHE A 250 7.20 -18.50 -10.51
C PHE A 250 8.52 -18.71 -11.26
N ASP A 251 9.46 -19.40 -10.65
CA ASP A 251 10.73 -19.64 -11.29
C ASP A 251 10.52 -20.33 -12.65
N ASN A 252 9.61 -21.28 -12.72
CA ASN A 252 9.33 -22.01 -13.96
C ASN A 252 8.76 -21.07 -15.00
N PHE A 253 7.81 -20.23 -14.60
CA PHE A 253 7.25 -19.23 -15.50
C PHE A 253 8.34 -18.30 -16.02
N GLN A 254 9.20 -17.83 -15.11
CA GLN A 254 10.26 -16.93 -15.53
C GLN A 254 11.18 -17.60 -16.54
N LYS A 255 11.58 -18.84 -16.27
CA LYS A 255 12.47 -19.55 -17.16
CA LYS A 255 12.47 -19.55 -17.16
CA LYS A 255 12.49 -19.56 -17.18
C LYS A 255 11.85 -19.71 -18.55
N GLU A 256 10.57 -19.99 -18.58
CA GLU A 256 9.86 -20.23 -19.82
CA GLU A 256 9.90 -20.25 -19.83
C GLU A 256 9.70 -18.98 -20.67
N VAL A 257 9.65 -17.81 -20.05
CA VAL A 257 9.45 -16.52 -20.70
CA VAL A 257 9.50 -16.64 -20.88
C VAL A 257 10.79 -15.88 -21.10
N LYS A 258 11.81 -16.06 -20.25
CA LYS A 258 13.04 -15.23 -20.26
CA LYS A 258 12.91 -15.10 -20.32
C LYS A 258 13.73 -15.23 -21.61
N ASN A 259 13.77 -16.39 -22.23
CA ASN A 259 14.51 -16.59 -23.46
C ASN A 259 13.62 -16.78 -24.68
N PHE A 260 12.43 -16.22 -24.65
CA PHE A 260 11.56 -16.23 -25.81
C PHE A 260 12.23 -15.57 -27.02
N PHE A 261 12.89 -14.45 -26.79
CA PHE A 261 13.60 -13.74 -27.84
C PHE A 261 15.09 -14.01 -27.72
N PRO A 262 15.87 -13.70 -28.78
CA PRO A 262 17.32 -13.73 -28.64
C PRO A 262 17.83 -12.85 -27.52
N ASN A 263 17.16 -11.71 -27.35
CA ASN A 263 17.37 -10.77 -26.28
C ASN A 263 16.60 -11.22 -25.03
N ILE A 264 17.26 -11.29 -23.89
CA ILE A 264 16.58 -11.75 -22.69
CA ILE A 264 16.67 -11.69 -22.62
C ILE A 264 15.54 -10.76 -22.17
N SER A 265 14.48 -11.32 -21.64
CA SER A 265 13.35 -10.57 -21.07
C SER A 265 13.42 -10.62 -19.53
N ASN A 266 13.29 -9.46 -18.88
CA ASN A 266 13.31 -9.41 -17.43
CA ASN A 266 13.31 -9.36 -17.43
C ASN A 266 11.92 -9.64 -16.87
N VAL A 267 11.84 -10.47 -15.84
CA VAL A 267 10.58 -10.83 -15.23
C VAL A 267 10.70 -10.61 -13.73
N THR A 268 9.88 -9.73 -13.19
CA THR A 268 9.83 -9.47 -11.75
C THR A 268 8.38 -9.38 -11.34
N GLY A 269 8.14 -9.33 -10.04
CA GLY A 269 6.79 -9.23 -9.59
C GLY A 269 6.65 -9.20 -8.09
N GLN A 270 5.42 -9.33 -7.65
CA GLN A 270 5.09 -9.46 -6.25
C GLN A 270 3.99 -10.48 -6.08
N GLY A 271 4.10 -11.26 -5.01
CA GLY A 271 3.01 -12.14 -4.58
C GLY A 271 2.44 -11.63 -3.27
N GLN A 272 1.11 -11.54 -3.21
CA GLN A 272 0.44 -11.12 -1.99
C GLN A 272 -0.04 -12.35 -1.26
N TYR A 273 0.30 -12.44 0.02
CA TYR A 273 -0.06 -13.55 0.88
C TYR A 273 -0.93 -13.11 2.02
N LYS A 274 -1.84 -14.00 2.41
CA LYS A 274 -2.51 -13.89 3.71
CA LYS A 274 -2.53 -13.89 3.70
C LYS A 274 -1.97 -15.04 4.53
N ASP A 275 -1.17 -14.72 5.55
CA ASP A 275 -0.43 -15.75 6.26
CA ASP A 275 -0.31 -15.67 6.23
C ASP A 275 0.45 -16.48 5.21
N LYS A 276 0.26 -17.78 5.09
CA LYS A 276 1.06 -18.57 4.18
C LYS A 276 0.38 -18.89 2.87
N THR A 277 -0.78 -18.28 2.63
CA THR A 277 -1.60 -18.60 1.43
C THR A 277 -1.57 -17.49 0.40
N LEU A 278 -1.13 -17.84 -0.80
CA LEU A 278 -1.08 -16.88 -1.90
C LEU A 278 -2.47 -16.41 -2.29
N GLN A 279 -2.61 -15.09 -2.41
CA GLN A 279 -3.86 -14.45 -2.81
CA GLN A 279 -3.86 -14.45 -2.80
C GLN A 279 -3.84 -13.89 -4.21
N GLY A 280 -2.66 -13.58 -4.74
CA GLY A 280 -2.59 -12.95 -6.04
C GLY A 280 -1.17 -12.71 -6.44
N LEU A 281 -0.98 -12.55 -7.74
CA LEU A 281 0.30 -12.20 -8.33
C LEU A 281 0.17 -10.97 -9.22
N HIS A 282 1.18 -10.10 -9.10
CA HIS A 282 1.41 -9.01 -10.04
C HIS A 282 2.81 -9.21 -10.62
N ILE A 283 2.91 -9.26 -11.95
CA ILE A 283 4.17 -9.51 -12.63
C ILE A 283 4.36 -8.42 -13.69
N THR A 284 5.60 -7.99 -13.84
CA THR A 284 6.01 -7.06 -14.88
C THR A 284 7.15 -7.70 -15.66
N ILE A 285 6.94 -7.79 -16.97
CA ILE A 285 7.94 -8.27 -17.89
C ILE A 285 8.44 -7.08 -18.68
N THR A 286 9.76 -6.97 -18.81
CA THR A 286 10.35 -5.89 -19.59
C THR A 286 11.27 -6.51 -20.62
N THR A 287 11.05 -6.14 -21.89
CA THR A 287 11.80 -6.68 -22.98
C THR A 287 11.96 -5.69 -24.09
N GLN A 288 12.78 -6.05 -25.06
CA GLN A 288 12.95 -5.21 -26.25
C GLN A 288 12.15 -5.83 -27.37
N PHE A 289 11.15 -5.10 -27.83
CA PHE A 289 10.36 -5.48 -29.01
C PHE A 289 10.75 -4.66 -30.19
N TYR A 290 10.73 -5.26 -31.36
CA TYR A 290 11.05 -4.49 -32.55
C TYR A 290 9.95 -4.49 -33.55
N SER A 291 8.84 -5.12 -33.25
CA SER A 291 7.71 -5.10 -34.13
C SER A 291 6.45 -5.41 -33.43
N GLU A 292 5.37 -5.06 -34.08
CA GLU A 292 4.07 -5.33 -33.51
CA GLU A 292 4.05 -5.33 -33.62
C GLU A 292 3.78 -6.86 -33.51
N THR A 293 4.25 -7.60 -34.49
CA THR A 293 4.00 -9.04 -34.54
C THR A 293 4.79 -9.75 -33.42
N GLU A 294 5.95 -9.23 -33.04
CA GLU A 294 6.70 -9.78 -31.89
C GLU A 294 5.88 -9.62 -30.62
N ILE A 295 5.26 -8.47 -30.46
CA ILE A 295 4.41 -8.22 -29.29
C ILE A 295 3.21 -9.17 -29.26
N THR A 296 2.53 -9.35 -30.40
CA THR A 296 1.40 -10.25 -30.45
C THR A 296 1.81 -11.64 -30.05
N SER A 297 2.90 -12.14 -30.62
CA SER A 297 3.34 -13.51 -30.36
C SER A 297 3.78 -13.71 -28.92
N PHE A 298 4.53 -12.76 -28.40
CA PHE A 298 5.02 -12.87 -27.01
C PHE A 298 3.84 -12.84 -26.06
N THR A 299 2.88 -11.97 -26.31
CA THR A 299 1.72 -11.84 -25.43
C THR A 299 0.95 -13.16 -25.38
N GLN A 300 0.74 -13.77 -26.53
CA GLN A 300 0.09 -15.09 -26.56
C GLN A 300 0.85 -16.09 -25.75
N TYR A 301 2.16 -16.10 -25.91
N TYR A 301 2.16 -16.13 -25.96
CA TYR A 301 2.99 -17.08 -25.25
CA TYR A 301 3.04 -17.06 -25.27
C TYR A 301 3.08 -16.85 -23.73
C TYR A 301 2.92 -16.84 -23.77
N VAL A 302 3.09 -15.59 -23.32
CA VAL A 302 3.03 -15.28 -21.87
C VAL A 302 1.74 -15.80 -21.25
N ALA A 303 0.63 -15.60 -21.93
CA ALA A 303 -0.66 -16.11 -21.42
C ALA A 303 -0.64 -17.62 -21.29
N GLN A 304 -0.06 -18.31 -22.27
CA GLN A 304 0.10 -19.76 -22.23
CA GLN A 304 0.02 -19.75 -22.17
C GLN A 304 0.97 -20.19 -21.05
N ALA A 305 2.12 -19.53 -20.92
CA ALA A 305 3.04 -19.88 -19.87
C ALA A 305 2.46 -19.61 -18.48
N ALA A 306 1.72 -18.53 -18.34
CA ALA A 306 1.05 -18.23 -17.09
C ALA A 306 0.07 -19.33 -16.73
N LYS A 307 -0.77 -19.72 -17.69
CA LYS A 307 -1.77 -20.76 -17.39
CA LYS A 307 -1.76 -20.81 -17.48
C LYS A 307 -1.05 -22.09 -17.09
N SER A 308 -0.01 -22.41 -17.80
CA SER A 308 0.69 -23.67 -17.57
C SER A 308 1.39 -23.73 -16.23
N TYR A 309 2.11 -22.68 -15.89
CA TYR A 309 3.12 -22.76 -14.84
C TYR A 309 2.87 -21.99 -13.57
N LEU A 310 2.03 -20.96 -13.63
CA LEU A 310 1.80 -20.15 -12.43
C LEU A 310 0.71 -20.80 -11.63
N PRO A 311 0.68 -20.52 -10.31
CA PRO A 311 -0.33 -21.15 -9.46
C PRO A 311 -1.72 -20.80 -9.96
N SER A 312 -2.61 -21.78 -9.98
CA SER A 312 -3.97 -21.51 -10.47
CA SER A 312 -3.98 -21.57 -10.45
C SER A 312 -4.92 -21.07 -9.33
N GLY A 313 -6.09 -20.58 -9.71
CA GLY A 313 -7.14 -20.23 -8.75
C GLY A 313 -7.00 -18.87 -8.07
N ILE A 314 -6.15 -18.01 -8.61
CA ILE A 314 -5.95 -16.69 -8.05
C ILE A 314 -5.81 -15.63 -9.13
N PRO A 315 -6.11 -14.37 -8.80
CA PRO A 315 -5.91 -13.35 -9.76
C PRO A 315 -4.44 -13.18 -10.07
N VAL A 316 -4.15 -13.08 -11.37
CA VAL A 316 -2.81 -12.80 -11.86
C VAL A 316 -2.90 -11.68 -12.86
N ASP A 317 -2.07 -10.65 -12.70
CA ASP A 317 -1.97 -9.54 -13.62
C ASP A 317 -0.52 -9.46 -14.11
N ILE A 318 -0.31 -9.43 -15.42
CA ILE A 318 1.01 -9.40 -16.02
C ILE A 318 1.07 -8.22 -17.00
N LYS A 319 1.90 -7.27 -16.67
CA LYS A 319 2.12 -6.13 -17.51
C LYS A 319 3.35 -6.38 -18.36
N ILE A 320 3.25 -6.18 -19.66
CA ILE A 320 4.34 -6.45 -20.60
C ILE A 320 4.82 -5.13 -21.18
N ASN A 321 6.03 -4.73 -20.79
CA ASN A 321 6.58 -3.44 -21.12
C ASN A 321 7.73 -3.61 -22.11
N GLY A 322 7.86 -2.62 -22.97
CA GLY A 322 9.04 -2.48 -23.80
C GLY A 322 10.17 -1.90 -22.98
N SER A 323 11.30 -1.76 -23.65
CA SER A 323 12.55 -1.46 -22.96
CA SER A 323 12.52 -1.48 -22.92
C SER A 323 12.51 -0.08 -22.33
N ASP A 324 11.74 0.81 -22.93
CA ASP A 324 11.63 2.20 -22.46
C ASP A 324 10.57 2.32 -21.37
N GLY A 325 9.99 1.19 -20.97
CA GLY A 325 8.98 1.17 -19.89
C GLY A 325 7.56 1.39 -20.34
N GLU A 326 7.34 1.59 -21.64
CA GLU A 326 6.01 1.75 -22.20
CA GLU A 326 6.00 1.75 -22.14
C GLU A 326 5.32 0.38 -22.18
N THR A 327 4.08 0.32 -21.68
CA THR A 327 3.32 -0.93 -21.63
C THR A 327 2.80 -1.23 -23.00
N GLN A 328 3.18 -2.38 -23.51
CA GLN A 328 2.75 -2.83 -24.84
C GLN A 328 1.59 -3.77 -24.82
N SER A 329 1.43 -4.53 -23.76
CA SER A 329 0.33 -5.46 -23.62
C SER A 329 0.13 -5.85 -22.16
N PHE A 330 -0.95 -6.54 -21.91
CA PHE A 330 -1.08 -7.15 -20.65
CA PHE A 330 -1.42 -6.95 -20.55
C PHE A 330 -2.00 -8.34 -20.70
N VAL A 331 -1.77 -9.21 -19.72
CA VAL A 331 -2.39 -10.51 -19.64
C VAL A 331 -2.92 -10.66 -18.22
N SER A 332 -4.12 -11.19 -18.05
CA SER A 332 -4.72 -11.21 -16.73
CA SER A 332 -4.67 -11.31 -16.71
C SER A 332 -5.71 -12.37 -16.62
N THR A 333 -5.90 -12.83 -15.39
CA THR A 333 -7.02 -13.63 -15.06
C THR A 333 -7.52 -13.11 -13.72
N THR A 334 -8.85 -12.98 -13.55
CA THR A 334 -9.42 -12.61 -12.23
C THR A 334 -9.27 -13.77 -11.28
N GLY A 335 -9.00 -14.95 -11.81
CA GLY A 335 -8.88 -16.14 -10.99
C GLY A 335 -9.93 -17.14 -11.48
N GLY A 336 -10.38 -18.01 -10.60
CA GLY A 336 -11.19 -19.13 -11.06
C GLY A 336 -10.37 -19.84 -12.12
N ASN A 337 -11.06 -20.31 -13.17
CA ASN A 337 -10.46 -21.16 -14.21
C ASN A 337 -10.90 -20.83 -15.65
N GLY A 338 -10.03 -21.15 -16.61
CA GLY A 338 -10.19 -20.74 -18.01
C GLY A 338 -10.32 -19.23 -18.18
N GLY A 339 -9.71 -18.46 -17.29
CA GLY A 339 -9.93 -17.02 -17.22
C GLY A 339 -8.97 -16.02 -17.87
N TYR A 340 -7.81 -16.44 -18.42
N TYR A 340 -7.94 -16.49 -18.58
CA TYR A 340 -6.89 -15.42 -19.02
CA TYR A 340 -6.86 -15.60 -19.14
C TYR A 340 -7.49 -14.67 -20.20
C TYR A 340 -7.12 -14.80 -20.43
N TYR A 341 -7.12 -13.42 -20.18
N TYR A 341 -7.38 -13.53 -20.25
CA TYR A 341 -7.56 -12.33 -20.98
CA TYR A 341 -7.47 -12.69 -21.42
C TYR A 341 -6.24 -11.71 -21.49
C TYR A 341 -6.25 -11.82 -21.56
N THR A 342 -6.19 -11.22 -22.73
CA THR A 342 -5.07 -10.42 -23.17
C THR A 342 -5.50 -9.17 -23.85
N HIS A 343 -4.64 -8.17 -23.82
CA HIS A 343 -4.82 -6.96 -24.59
C HIS A 343 -3.50 -6.44 -25.07
N VAL A 344 -3.41 -6.14 -26.36
CA VAL A 344 -2.26 -5.52 -26.96
C VAL A 344 -2.60 -4.07 -27.30
N PHE A 345 -1.73 -3.16 -26.86
CA PHE A 345 -1.88 -1.73 -27.12
C PHE A 345 -1.18 -1.39 -28.45
N GLY A 346 -1.69 -1.97 -29.54
CA GLY A 346 -1.10 -1.82 -30.87
C GLY A 346 -1.36 -0.47 -31.50
N SER A 347 -0.53 -0.19 -32.50
N SER A 347 -0.53 -0.11 -32.45
CA SER A 347 -0.69 0.94 -33.41
CA SER A 347 -0.76 1.12 -33.19
C SER A 347 -1.79 0.66 -34.39
C SER A 347 -1.66 0.76 -34.36
N TYR A 348 -2.44 1.73 -34.83
CA TYR A 348 -3.26 1.61 -36.03
C TYR A 348 -2.42 1.42 -37.26
MG MG B . -10.47 22.78 -11.58
C1 EDO C . -4.96 3.18 -26.45
O1 EDO C . -4.91 2.01 -25.62
C2 EDO C . -3.63 3.88 -26.56
O2 EDO C . -2.69 3.01 -27.24
C1 EDO D . -10.89 -5.12 16.32
O1 EDO D . -10.22 -5.36 17.59
C2 EDO D . -12.14 -4.32 16.59
O2 EDO D . -11.76 -3.43 17.63
C1 EDO E . -19.10 -0.07 10.53
C1 EDO E . -18.52 0.04 10.73
O1 EDO E . -19.78 -1.29 10.16
O1 EDO E . -19.96 -0.05 10.67
C2 EDO E . -17.76 -0.37 11.19
C2 EDO E . -17.95 -0.86 11.83
O2 EDO E . -17.96 -0.69 12.58
O2 EDO E . -17.03 -1.81 11.26
N NO3 F . -16.45 14.11 20.48
O1 NO3 F . -16.46 12.72 20.66
O2 NO3 F . -17.43 14.66 19.70
O3 NO3 F . -15.48 14.97 21.03
C1 PEG G . 5.69 20.47 24.27
O1 PEG G . 4.42 20.53 24.86
C2 PEG G . 6.67 19.67 25.12
O2 PEG G . 7.89 19.46 24.42
C3 PEG G . 8.42 18.15 24.65
#